data_7WQ9
#
_entry.id   7WQ9
#
_cell.length_a   110.387
_cell.length_b   55.248
_cell.length_c   46.901
_cell.angle_alpha   90.000
_cell.angle_beta   101.516
_cell.angle_gamma   90.000
#
_symmetry.space_group_name_H-M   'C 1 2 1'
#
loop_
_entity.id
_entity.type
_entity.pdbx_description
1 polymer '3C-like proteinase'
2 polymer Z-IETD-FMK
3 water water
#
loop_
_entity_poly.entity_id
_entity_poly.type
_entity_poly.pdbx_seq_one_letter_code
_entity_poly.pdbx_strand_id
1 'polypeptide(L)'
;GSGFRKMAFPSGKVEGCMVQVTCGTTTLNGLWLDDVVYCPRHVICTSEDMLNPNYEDLLIRKSNHNFLVQAGNVQLRVIG
HSMQNCVLKLKVDTANPKTPKYKFVRIQPGQTFSVLACYNGSPSGVYQCAMRPNFTIKGSFLNGSCGSVGFNIDYDCVSF
CYMHHMELPTGVHAGTDLEGNFYGPFVDRQTAQAAGTDTTITVNVLAWLYAAVINGDRWFLNRFTTTLNDFNLVAMKYNY
EPLTQDHVDILGPLSAQTGIAVLDMCASLKELLQNGMNGRTILGSALLEDEFTPFDVVRQCSGVTFQ
;
A
2 'polypeptide(L)' (P6S)I(GME)T(FL6)(CF0) B
#
# COMPACT_ATOMS: atom_id res chain seq x y z
N SER A 2 -22.50 0.89 -16.26
CA SER A 2 -21.29 0.76 -17.14
C SER A 2 -20.12 0.17 -16.33
N GLY A 3 -18.93 0.01 -16.94
CA GLY A 3 -17.84 -0.87 -16.45
C GLY A 3 -17.06 -0.28 -15.29
N PHE A 4 -16.74 -1.11 -14.28
CA PHE A 4 -15.97 -0.75 -13.06
C PHE A 4 -14.88 -1.77 -12.77
N ARG A 5 -13.64 -1.28 -12.59
CA ARG A 5 -12.39 -2.10 -12.53
C ARG A 5 -11.46 -1.54 -11.47
N LYS A 6 -10.73 -2.42 -10.77
CA LYS A 6 -9.55 -2.04 -9.96
C LYS A 6 -8.47 -1.53 -10.92
N MET A 7 -7.97 -0.32 -10.68
CA MET A 7 -6.99 0.34 -11.58
C MET A 7 -5.81 0.86 -10.76
N ALA A 8 -4.62 0.66 -11.26
CA ALA A 8 -3.39 1.32 -10.76
C ALA A 8 -3.19 2.64 -11.48
N PHE A 9 -2.44 3.57 -10.88
CA PHE A 9 -1.89 4.77 -11.54
C PHE A 9 -0.91 4.34 -12.63
N PRO A 10 -0.87 5.06 -13.78
CA PRO A 10 0.18 4.82 -14.76
C PRO A 10 1.53 4.95 -14.05
N SER A 11 2.48 4.08 -14.37
CA SER A 11 3.71 3.84 -13.55
C SER A 11 4.95 4.51 -14.15
N GLY A 12 4.84 5.16 -15.33
CA GLY A 12 6.00 5.58 -16.13
C GLY A 12 6.99 6.38 -15.30
N LYS A 13 6.46 7.33 -14.54
CA LYS A 13 7.20 8.28 -13.67
C LYS A 13 7.99 7.55 -12.58
N VAL A 14 7.54 6.36 -12.15
CA VAL A 14 8.21 5.53 -11.09
C VAL A 14 9.21 4.58 -11.76
N GLU A 15 8.86 4.06 -12.93
CA GLU A 15 9.75 3.18 -13.71
C GLU A 15 11.13 3.84 -13.83
N GLY A 16 11.16 5.15 -14.09
CA GLY A 16 12.40 5.92 -14.36
C GLY A 16 13.07 6.36 -13.07
N CYS A 17 12.75 5.70 -11.96
CA CYS A 17 13.35 5.95 -10.62
C CYS A 17 13.90 4.66 -10.04
N MET A 18 13.62 3.52 -10.66
CA MET A 18 13.93 2.18 -10.11
C MET A 18 15.36 1.80 -10.48
N VAL A 19 16.10 1.24 -9.51
CA VAL A 19 17.51 0.80 -9.67
C VAL A 19 17.70 -0.55 -8.98
N GLN A 20 18.81 -1.20 -9.30
CA GLN A 20 19.35 -2.39 -8.60
C GLN A 20 20.31 -1.89 -7.50
N VAL A 21 20.22 -2.47 -6.30
CA VAL A 21 21.25 -2.32 -5.22
C VAL A 21 21.69 -3.73 -4.79
N THR A 22 23.00 -4.00 -4.85
CA THR A 22 23.64 -5.23 -4.32
C THR A 22 24.57 -4.87 -3.15
N CYS A 23 24.57 -5.71 -2.11
CA CYS A 23 25.52 -5.68 -0.96
C CYS A 23 25.84 -7.11 -0.58
N GLY A 24 27.11 -7.51 -0.61
CA GLY A 24 27.49 -8.94 -0.63
C GLY A 24 26.66 -9.72 -1.63
N THR A 25 25.96 -10.77 -1.20
CA THR A 25 25.13 -11.62 -2.10
C THR A 25 23.65 -11.31 -1.89
N THR A 26 23.33 -10.08 -1.49
CA THR A 26 21.93 -9.57 -1.43
C THR A 26 21.73 -8.52 -2.53
N THR A 27 20.87 -8.84 -3.49
CA THR A 27 20.36 -7.90 -4.50
C THR A 27 18.88 -7.60 -4.22
N LEU A 28 18.52 -6.32 -4.14
CA LEU A 28 17.11 -5.84 -4.11
C LEU A 28 17.03 -4.50 -4.82
N ASN A 29 15.86 -3.87 -4.75
CA ASN A 29 15.49 -2.68 -5.56
C ASN A 29 15.75 -1.42 -4.75
N GLY A 30 16.07 -0.33 -5.44
CA GLY A 30 16.21 1.00 -4.84
C GLY A 30 15.45 2.01 -5.64
N LEU A 31 15.10 3.11 -4.99
CA LEU A 31 14.39 4.24 -5.59
C LEU A 31 15.35 5.41 -5.71
N TRP A 32 15.74 5.75 -6.93
CA TRP A 32 16.73 6.81 -7.26
C TRP A 32 15.97 8.10 -7.58
N LEU A 33 15.83 8.98 -6.58
CA LEU A 33 15.27 10.35 -6.70
C LEU A 33 16.39 11.38 -6.49
N ASP A 34 16.57 12.28 -7.47
CA ASP A 34 17.68 13.28 -7.46
C ASP A 34 19.00 12.50 -7.41
N ASP A 35 19.79 12.64 -6.35
CA ASP A 35 21.10 11.92 -6.22
C ASP A 35 21.08 10.93 -5.06
N VAL A 36 19.90 10.61 -4.50
CA VAL A 36 19.76 9.68 -3.33
C VAL A 36 19.07 8.38 -3.78
N VAL A 37 19.61 7.24 -3.36
CA VAL A 37 18.99 5.89 -3.59
C VAL A 37 18.48 5.35 -2.25
N TYR A 38 17.15 5.28 -2.12
CA TYR A 38 16.45 4.69 -0.95
C TYR A 38 16.28 3.19 -1.18
N CYS A 39 16.67 2.37 -0.21
CA CYS A 39 16.39 0.91 -0.20
C CYS A 39 16.29 0.42 1.22
N PRO A 40 15.78 -0.82 1.45
CA PRO A 40 15.71 -1.37 2.80
C PRO A 40 17.11 -1.63 3.36
N ARG A 41 17.31 -1.29 4.62
CA ARG A 41 18.63 -1.36 5.30
C ARG A 41 19.00 -2.84 5.54
N HIS A 42 18.04 -3.78 5.50
CA HIS A 42 18.31 -5.22 5.76
C HIS A 42 19.20 -5.81 4.66
N VAL A 43 19.38 -5.05 3.57
CA VAL A 43 20.31 -5.37 2.44
C VAL A 43 21.73 -5.55 2.97
N ILE A 44 22.05 -5.01 4.15
CA ILE A 44 23.46 -5.03 4.66
C ILE A 44 23.67 -6.26 5.53
N CYS A 45 22.64 -7.06 5.76
CA CYS A 45 22.68 -8.16 6.76
C CYS A 45 23.00 -9.50 6.11
N THR A 46 23.79 -10.33 6.78
CA THR A 46 23.82 -11.80 6.54
C THR A 46 22.59 -12.42 7.19
N SER A 47 22.30 -13.69 6.86
CA SER A 47 21.23 -14.47 7.50
C SER A 47 21.47 -14.53 9.01
N GLU A 48 22.74 -14.62 9.44
CA GLU A 48 23.14 -14.65 10.87
C GLU A 48 22.80 -13.30 11.53
N ASP A 49 23.07 -12.19 10.83
CA ASP A 49 22.82 -10.81 11.37
C ASP A 49 21.32 -10.65 11.64
N MET A 50 20.48 -11.20 10.78
CA MET A 50 19.01 -10.96 10.85
C MET A 50 18.43 -11.54 12.15
N LEU A 51 19.16 -12.42 12.86
CA LEU A 51 18.70 -13.00 14.16
C LEU A 51 18.69 -11.92 15.26
N ASN A 52 19.70 -11.06 15.31
CA ASN A 52 19.70 -9.90 16.24
C ASN A 52 20.56 -8.78 15.69
N PRO A 53 20.10 -8.11 14.61
CA PRO A 53 20.92 -7.11 13.95
C PRO A 53 21.12 -5.88 14.83
N ASN A 54 22.36 -5.42 14.96
CA ASN A 54 22.65 -4.01 15.39
C ASN A 54 23.00 -3.21 14.13
N TYR A 55 22.00 -2.60 13.50
CA TYR A 55 22.12 -1.96 12.16
C TYR A 55 23.17 -0.83 12.18
N GLU A 56 23.19 -0.02 13.22
CA GLU A 56 24.22 1.05 13.39
C GLU A 56 25.62 0.40 13.28
N ASP A 57 25.88 -0.66 14.05
CA ASP A 57 27.21 -1.33 14.08
C ASP A 57 27.50 -1.96 12.72
N LEU A 58 26.49 -2.62 12.11
CA LEU A 58 26.65 -3.34 10.81
C LEU A 58 26.93 -2.34 9.69
N LEU A 59 26.27 -1.18 9.71
CA LEU A 59 26.39 -0.17 8.64
C LEU A 59 27.74 0.54 8.75
N ILE A 60 28.21 0.82 9.95
CA ILE A 60 29.55 1.45 10.20
C ILE A 60 30.63 0.56 9.57
N ARG A 61 30.48 -0.75 9.63
CA ARG A 61 31.48 -1.74 9.13
C ARG A 61 31.45 -1.77 7.60
N LYS A 62 30.40 -1.23 6.97
CA LYS A 62 30.25 -1.14 5.50
C LYS A 62 30.91 0.15 5.03
N SER A 63 31.46 0.12 3.82
CA SER A 63 31.94 1.33 3.08
C SER A 63 31.16 1.45 1.76
N ASN A 64 31.29 2.61 1.11
CA ASN A 64 30.59 2.96 -0.15
C ASN A 64 30.68 1.82 -1.15
N HIS A 65 31.86 1.23 -1.29
CA HIS A 65 32.18 0.26 -2.37
C HIS A 65 31.57 -1.11 -2.06
N ASN A 66 31.00 -1.28 -0.87
CA ASN A 66 30.23 -2.50 -0.52
C ASN A 66 28.85 -2.46 -1.22
N PHE A 67 28.43 -1.29 -1.68
CA PHE A 67 27.11 -1.01 -2.32
C PHE A 67 27.24 -0.90 -3.85
N LEU A 68 26.80 -1.91 -4.59
CA LEU A 68 26.77 -1.88 -6.08
C LEU A 68 25.38 -1.45 -6.57
N VAL A 69 25.26 -0.20 -7.01
CA VAL A 69 24.04 0.36 -7.64
C VAL A 69 24.17 0.22 -9.17
N GLN A 70 23.12 -0.23 -9.84
CA GLN A 70 23.05 -0.34 -11.33
C GLN A 70 21.71 0.24 -11.80
N ALA A 71 21.78 1.32 -12.57
CA ALA A 71 20.61 1.96 -13.25
C ALA A 71 20.67 1.58 -14.73
N GLY A 72 19.89 0.57 -15.12
CA GLY A 72 20.07 -0.14 -16.39
C GLY A 72 21.34 -0.98 -16.37
N ASN A 73 22.19 -0.84 -17.38
CA ASN A 73 23.48 -1.57 -17.45
C ASN A 73 24.59 -0.60 -17.05
N VAL A 74 24.22 0.63 -16.67
CA VAL A 74 25.11 1.67 -16.07
C VAL A 74 25.26 1.39 -14.57
N GLN A 75 26.48 1.52 -14.03
CA GLN A 75 26.77 1.37 -12.59
C GLN A 75 26.93 2.77 -11.99
N LEU A 76 26.17 3.06 -10.94
CA LEU A 76 26.17 4.36 -10.24
C LEU A 76 27.30 4.38 -9.21
N ARG A 77 28.00 5.51 -9.06
CA ARG A 77 29.11 5.66 -8.08
C ARG A 77 28.53 6.13 -6.75
N VAL A 78 28.66 5.30 -5.71
CA VAL A 78 28.19 5.62 -4.33
C VAL A 78 29.27 6.41 -3.60
N ILE A 79 28.93 7.64 -3.20
CA ILE A 79 29.84 8.62 -2.56
C ILE A 79 29.36 8.88 -1.14
N GLY A 80 28.44 8.06 -0.62
CA GLY A 80 27.91 8.20 0.75
C GLY A 80 26.83 7.18 1.06
N HIS A 81 26.87 6.62 2.28
CA HIS A 81 25.89 5.65 2.82
C HIS A 81 25.48 6.06 4.24
N SER A 82 24.19 6.27 4.46
CA SER A 82 23.61 6.61 5.78
C SER A 82 22.28 5.85 6.01
N MET A 83 21.65 6.09 7.15
CA MET A 83 20.47 5.37 7.63
C MET A 83 19.43 6.37 8.10
N GLN A 84 18.21 6.31 7.59
CA GLN A 84 17.07 6.97 8.26
C GLN A 84 16.05 5.93 8.66
N ASN A 85 15.97 5.63 9.95
CA ASN A 85 15.07 4.58 10.45
C ASN A 85 15.44 3.28 9.70
N CYS A 86 14.49 2.59 9.06
CA CYS A 86 14.77 1.25 8.46
C CYS A 86 15.11 1.34 6.96
N VAL A 87 15.31 2.53 6.43
CA VAL A 87 15.75 2.71 5.02
C VAL A 87 17.21 3.17 4.98
N LEU A 88 18.00 2.43 4.21
CA LEU A 88 19.33 2.84 3.73
C LEU A 88 19.15 3.95 2.68
N LYS A 89 19.86 5.07 2.86
CA LYS A 89 20.07 6.11 1.82
C LYS A 89 21.50 6.02 1.32
N LEU A 90 21.67 5.67 0.05
CA LEU A 90 22.93 5.78 -0.70
C LEU A 90 22.91 7.09 -1.48
N LYS A 91 23.83 8.01 -1.16
CA LYS A 91 24.14 9.21 -1.97
C LYS A 91 25.05 8.77 -3.13
N VAL A 92 24.84 9.35 -4.31
CA VAL A 92 25.46 8.89 -5.59
C VAL A 92 25.90 10.13 -6.36
N ASP A 93 26.82 9.97 -7.33
CA ASP A 93 27.58 11.09 -7.96
C ASP A 93 26.76 11.75 -9.07
N THR A 94 25.60 11.19 -9.43
CA THR A 94 24.72 11.65 -10.55
C THR A 94 23.28 11.85 -10.07
N ALA A 95 22.66 12.99 -10.41
CA ALA A 95 21.22 13.26 -10.15
C ALA A 95 20.40 12.56 -11.24
N ASN A 96 19.33 11.86 -10.86
CA ASN A 96 18.52 11.05 -11.80
C ASN A 96 17.93 12.00 -12.84
N PRO A 97 18.30 11.86 -14.14
CA PRO A 97 17.73 12.71 -15.18
C PRO A 97 16.20 12.59 -15.21
N LYS A 98 15.68 11.38 -14.99
CA LYS A 98 14.22 11.07 -15.04
C LYS A 98 13.54 11.39 -13.69
N THR A 99 14.25 11.97 -12.72
CA THR A 99 13.68 12.34 -11.39
C THR A 99 12.41 13.14 -11.62
N PRO A 100 11.21 12.61 -11.29
CA PRO A 100 9.96 13.34 -11.43
C PRO A 100 9.73 14.32 -10.28
N LYS A 101 8.66 15.13 -10.33
CA LYS A 101 8.17 15.89 -9.15
C LYS A 101 7.47 14.92 -8.20
N TYR A 102 7.85 14.95 -6.94
CA TYR A 102 7.54 13.87 -5.97
C TYR A 102 7.41 14.44 -4.57
N LYS A 103 6.96 13.59 -3.65
CA LYS A 103 6.75 13.92 -2.22
C LYS A 103 6.66 12.58 -1.46
N PHE A 104 6.96 12.61 -0.15
CA PHE A 104 6.93 11.43 0.74
C PHE A 104 5.77 11.60 1.71
N VAL A 105 4.83 10.64 1.72
CA VAL A 105 3.57 10.73 2.51
C VAL A 105 3.37 9.41 3.26
N ARG A 106 2.96 9.49 4.53
CA ARG A 106 2.48 8.33 5.29
C ARG A 106 0.98 8.22 5.05
N ILE A 107 0.49 7.04 4.64
CA ILE A 107 -0.96 6.84 4.36
C ILE A 107 -1.60 6.28 5.60
N GLN A 108 -2.91 6.37 5.61
CA GLN A 108 -3.76 5.95 6.74
C GLN A 108 -4.17 4.52 6.45
N PRO A 109 -4.32 3.68 7.47
CA PRO A 109 -4.99 2.41 7.28
C PRO A 109 -6.23 2.62 6.41
N GLY A 110 -6.46 1.73 5.43
CA GLY A 110 -7.63 1.75 4.56
C GLY A 110 -7.45 2.59 3.31
N GLN A 111 -6.39 3.41 3.24
CA GLN A 111 -6.06 4.15 2.00
C GLN A 111 -5.47 3.18 0.98
N THR A 112 -5.60 3.50 -0.29
CA THR A 112 -5.14 2.67 -1.42
C THR A 112 -3.91 3.33 -2.04
N PHE A 113 -3.19 2.57 -2.86
CA PHE A 113 -1.95 3.00 -3.55
C PHE A 113 -1.60 1.92 -4.55
N SER A 114 -0.84 2.30 -5.55
CA SER A 114 -0.28 1.44 -6.60
C SER A 114 1.10 0.95 -6.16
N VAL A 115 1.35 -0.34 -6.34
CA VAL A 115 2.69 -0.99 -6.18
C VAL A 115 3.27 -1.21 -7.57
N LEU A 116 4.45 -0.67 -7.83
CA LEU A 116 5.26 -1.09 -8.97
C LEU A 116 6.23 -2.16 -8.47
N ALA A 117 5.86 -3.42 -8.71
CA ALA A 117 6.60 -4.64 -8.36
C ALA A 117 7.79 -4.75 -9.28
N CYS A 118 9.00 -4.76 -8.71
CA CYS A 118 10.27 -4.79 -9.45
C CYS A 118 11.10 -5.99 -9.01
N TYR A 119 11.94 -6.46 -9.91
CA TYR A 119 12.83 -7.64 -9.71
C TYR A 119 14.22 -7.22 -10.23
N ASN A 120 15.23 -7.18 -9.36
CA ASN A 120 16.64 -6.86 -9.73
C ASN A 120 16.69 -5.46 -10.36
N GLY A 121 15.89 -4.50 -9.86
CA GLY A 121 15.87 -3.10 -10.33
C GLY A 121 15.00 -2.90 -11.57
N SER A 122 14.30 -3.94 -12.02
CA SER A 122 13.55 -3.95 -13.31
C SER A 122 12.04 -4.04 -13.03
N PRO A 123 11.26 -3.02 -13.45
CA PRO A 123 9.80 -3.04 -13.35
C PRO A 123 9.16 -4.27 -13.99
N SER A 124 8.35 -5.02 -13.22
CA SER A 124 7.72 -6.30 -13.66
C SER A 124 6.18 -6.16 -13.77
N GLY A 125 5.55 -5.35 -12.93
CA GLY A 125 4.08 -5.35 -12.80
C GLY A 125 3.60 -4.18 -11.97
N VAL A 126 2.36 -3.76 -12.20
CA VAL A 126 1.72 -2.69 -11.41
C VAL A 126 0.34 -3.17 -10.97
N TYR A 127 0.03 -3.01 -9.68
CA TYR A 127 -1.28 -3.40 -9.11
C TYR A 127 -1.66 -2.40 -8.04
N GLN A 128 -2.96 -2.27 -7.84
CA GLN A 128 -3.59 -1.41 -6.84
C GLN A 128 -3.86 -2.25 -5.59
N CYS A 129 -3.56 -1.75 -4.40
CA CYS A 129 -3.96 -2.42 -3.15
C CYS A 129 -4.27 -1.37 -2.09
N ALA A 130 -4.73 -1.85 -0.93
CA ALA A 130 -5.04 -1.04 0.25
C ALA A 130 -4.05 -1.39 1.37
N MET A 131 -3.64 -0.40 2.14
CA MET A 131 -3.13 -0.60 3.52
C MET A 131 -4.25 -1.22 4.36
N ARG A 132 -4.10 -2.48 4.78
CA ARG A 132 -5.08 -3.17 5.67
C ARG A 132 -5.18 -2.40 6.99
N PRO A 133 -6.32 -2.52 7.71
CA PRO A 133 -6.43 -1.96 9.06
C PRO A 133 -5.25 -2.30 9.98
N ASN A 134 -4.67 -3.50 9.81
CA ASN A 134 -3.62 -4.08 10.70
C ASN A 134 -2.24 -3.75 10.12
N PHE A 135 -2.19 -2.91 9.09
CA PHE A 135 -0.98 -2.24 8.52
C PHE A 135 -0.13 -3.22 7.70
N THR A 136 -0.73 -4.31 7.24
CA THR A 136 -0.12 -5.24 6.26
C THR A 136 -0.68 -4.94 4.87
N ILE A 137 0.03 -5.43 3.86
CA ILE A 137 -0.31 -5.29 2.42
C ILE A 137 -0.55 -6.69 1.91
N LYS A 138 -1.68 -6.97 1.28
CA LYS A 138 -1.88 -8.26 0.57
C LYS A 138 -1.27 -8.09 -0.81
N GLY A 139 0.05 -8.21 -0.89
CA GLY A 139 0.81 -7.89 -2.09
C GLY A 139 1.14 -9.16 -2.88
N SER A 140 1.61 -8.99 -4.10
CA SER A 140 2.30 -10.03 -4.90
C SER A 140 3.80 -9.67 -4.95
N PHE A 141 4.60 -10.35 -4.16
CA PHE A 141 6.06 -10.07 -4.05
C PHE A 141 6.81 -11.40 -4.13
N LEU A 142 7.78 -11.49 -5.04
CA LEU A 142 8.72 -12.64 -5.17
C LEU A 142 10.07 -12.21 -4.57
N ASN A 143 10.97 -13.15 -4.31
CA ASN A 143 12.32 -12.87 -3.75
C ASN A 143 13.00 -11.88 -4.70
N GLY A 144 13.54 -10.79 -4.15
CA GLY A 144 14.10 -9.66 -4.94
C GLY A 144 13.07 -8.57 -5.23
N SER A 145 11.83 -8.71 -4.70
CA SER A 145 10.76 -7.68 -4.78
C SER A 145 10.98 -6.58 -3.72
N CYS A 146 11.71 -6.87 -2.64
CA CYS A 146 12.13 -5.86 -1.62
C CYS A 146 12.61 -4.58 -2.28
N GLY A 147 12.22 -3.44 -1.72
CA GLY A 147 12.57 -2.11 -2.25
C GLY A 147 11.60 -1.64 -3.35
N SER A 148 10.71 -2.51 -3.86
CA SER A 148 9.53 -2.11 -4.68
C SER A 148 8.72 -1.05 -3.91
N VAL A 149 8.17 -0.04 -4.59
CA VAL A 149 7.50 1.08 -3.88
C VAL A 149 6.00 1.17 -4.25
N GLY A 150 5.24 1.66 -3.28
CA GLY A 150 3.84 2.08 -3.44
C GLY A 150 3.75 3.59 -3.60
N PHE A 151 2.80 4.05 -4.40
CA PHE A 151 2.63 5.49 -4.67
C PHE A 151 1.20 5.78 -5.10
N ASN A 152 0.84 7.04 -4.94
CA ASN A 152 -0.27 7.71 -5.67
C ASN A 152 0.31 8.80 -6.57
N ILE A 153 -0.35 9.09 -7.68
CA ILE A 153 -0.09 10.31 -8.49
C ILE A 153 -1.11 11.37 -8.10
N ASP A 154 -0.63 12.50 -7.59
CA ASP A 154 -1.44 13.63 -7.08
C ASP A 154 -1.21 14.84 -8.00
N TYR A 155 -2.14 15.09 -8.92
CA TYR A 155 -1.99 16.04 -10.05
C TYR A 155 -0.71 15.66 -10.80
N ASP A 156 0.37 16.44 -10.66
CA ASP A 156 1.67 16.20 -11.37
C ASP A 156 2.61 15.38 -10.46
N CYS A 157 2.26 15.25 -9.18
CA CYS A 157 3.18 14.93 -8.06
C CYS A 157 3.07 13.44 -7.65
N VAL A 158 4.10 12.63 -7.95
CA VAL A 158 4.24 11.24 -7.42
C VAL A 158 4.39 11.31 -5.91
N SER A 159 3.37 10.87 -5.17
CA SER A 159 3.37 10.72 -3.70
C SER A 159 3.79 9.30 -3.32
N PHE A 160 5.08 9.08 -3.05
CA PHE A 160 5.61 7.80 -2.53
C PHE A 160 5.13 7.59 -1.09
N CYS A 161 4.56 6.42 -0.79
CA CYS A 161 3.93 6.12 0.53
C CYS A 161 4.36 4.76 1.10
N TYR A 162 4.99 3.91 0.30
CA TYR A 162 5.33 2.52 0.72
C TYR A 162 6.62 2.07 0.05
N MET A 163 7.44 1.37 0.83
CA MET A 163 8.55 0.51 0.35
C MET A 163 8.39 -0.87 0.98
N HIS A 164 8.48 -1.93 0.20
CA HIS A 164 8.35 -3.32 0.67
C HIS A 164 9.64 -3.71 1.37
N HIS A 165 9.53 -4.31 2.56
CA HIS A 165 10.67 -4.82 3.36
C HIS A 165 10.61 -6.34 3.47
N MET A 166 9.44 -6.93 3.72
CA MET A 166 9.39 -8.34 4.16
C MET A 166 7.98 -8.95 4.02
N GLU A 167 7.92 -10.27 4.20
CA GLU A 167 6.71 -11.12 4.13
C GLU A 167 6.55 -11.79 5.50
N LEU A 168 5.33 -11.84 6.03
CA LEU A 168 4.99 -12.54 7.30
C LEU A 168 4.54 -13.95 6.98
N PRO A 169 4.52 -14.87 7.96
CA PRO A 169 4.23 -16.29 7.68
C PRO A 169 2.92 -16.57 6.93
N THR A 170 1.95 -15.64 6.96
CA THR A 170 0.63 -15.75 6.26
C THR A 170 0.76 -15.38 4.77
N GLY A 171 1.91 -14.88 4.34
CA GLY A 171 2.13 -14.40 2.95
C GLY A 171 1.73 -12.95 2.77
N VAL A 172 1.26 -12.26 3.81
CA VAL A 172 1.02 -10.79 3.75
C VAL A 172 2.37 -10.06 3.86
N HIS A 173 2.41 -8.80 3.44
CA HIS A 173 3.65 -8.00 3.24
C HIS A 173 3.67 -6.84 4.22
N ALA A 174 4.85 -6.53 4.72
CA ALA A 174 5.09 -5.40 5.65
C ALA A 174 6.22 -4.52 5.11
N GLY A 175 6.13 -3.23 5.40
CA GLY A 175 7.08 -2.27 4.89
C GLY A 175 6.96 -0.94 5.59
N THR A 176 7.58 0.07 5.02
CA THR A 176 7.83 1.39 5.66
C THR A 176 7.29 2.45 4.73
N ASP A 177 7.12 3.67 5.26
CA ASP A 177 7.08 4.89 4.42
C ASP A 177 8.52 5.18 3.98
N LEU A 178 8.71 6.24 3.23
CA LEU A 178 10.03 6.57 2.64
C LEU A 178 10.87 7.37 3.63
N GLU A 179 10.37 7.53 4.87
CA GLU A 179 11.12 8.00 6.07
C GLU A 179 11.59 6.79 6.89
N GLY A 180 11.23 5.56 6.46
CA GLY A 180 11.82 4.31 6.97
C GLY A 180 11.13 3.82 8.22
N ASN A 181 10.03 4.44 8.60
CA ASN A 181 9.19 3.95 9.72
C ASN A 181 8.23 2.90 9.18
N PHE A 182 8.16 1.75 9.86
CA PHE A 182 7.25 0.63 9.55
C PHE A 182 5.81 1.10 9.71
N TYR A 183 4.97 0.70 8.78
CA TYR A 183 3.51 0.57 8.98
C TYR A 183 3.28 -0.61 9.92
N GLY A 184 2.62 -0.38 11.05
CA GLY A 184 2.28 -1.47 12.01
C GLY A 184 3.44 -1.80 12.95
N PRO A 185 3.30 -2.86 13.77
CA PRO A 185 4.24 -3.11 14.86
C PRO A 185 5.40 -4.02 14.45
N PHE A 186 5.88 -3.92 13.22
CA PHE A 186 6.83 -4.89 12.63
C PHE A 186 8.26 -4.36 12.81
N VAL A 187 9.22 -5.29 12.86
CA VAL A 187 10.67 -4.96 12.99
C VAL A 187 11.43 -5.78 11.94
N ASP A 188 12.44 -5.16 11.32
CA ASP A 188 13.28 -5.80 10.27
C ASP A 188 14.31 -6.71 10.94
N ARG A 189 13.86 -7.77 11.60
CA ARG A 189 14.72 -8.83 12.19
C ARG A 189 13.90 -10.10 12.32
N GLN A 190 14.59 -11.26 12.41
CA GLN A 190 13.94 -12.59 12.46
C GLN A 190 13.51 -12.85 13.91
N THR A 191 12.31 -12.44 14.24
CA THR A 191 11.66 -12.67 15.54
C THR A 191 10.16 -12.85 15.26
N ALA A 192 9.44 -13.52 16.14
CA ALA A 192 7.98 -13.74 15.99
C ALA A 192 7.30 -12.38 16.02
N GLN A 193 6.39 -12.13 15.09
CA GLN A 193 5.76 -10.81 14.87
C GLN A 193 4.35 -10.98 14.34
N ALA A 194 3.35 -10.94 15.19
CA ALA A 194 1.94 -11.17 14.79
C ALA A 194 1.41 -9.87 14.23
N ALA A 195 0.76 -9.93 13.07
CA ALA A 195 -0.15 -8.87 12.60
C ALA A 195 -1.38 -8.91 13.50
N GLY A 196 -2.04 -7.80 13.69
CA GLY A 196 -3.34 -7.81 14.39
C GLY A 196 -4.40 -8.56 13.58
N THR A 197 -5.62 -8.57 14.10
CA THR A 197 -6.84 -8.99 13.37
C THR A 197 -7.01 -8.13 12.11
N ASP A 198 -7.11 -8.77 10.94
CA ASP A 198 -7.33 -8.11 9.62
C ASP A 198 -8.83 -7.86 9.44
N THR A 199 -9.29 -6.69 9.88
CA THR A 199 -10.70 -6.25 9.75
C THR A 199 -10.99 -5.75 8.32
N THR A 200 -12.26 -5.74 7.92
CA THR A 200 -12.78 -5.18 6.65
C THR A 200 -12.90 -3.65 6.74
N ILE A 201 -12.49 -2.93 5.69
CA ILE A 201 -12.48 -1.44 5.65
C ILE A 201 -13.88 -0.96 5.23
N THR A 202 -14.79 -0.87 6.21
CA THR A 202 -16.23 -0.49 6.07
C THR A 202 -16.43 0.72 5.14
N VAL A 203 -15.72 1.81 5.35
CA VAL A 203 -15.87 3.03 4.51
C VAL A 203 -15.57 2.70 3.05
N ASN A 204 -14.68 1.74 2.77
CA ASN A 204 -14.33 1.35 1.38
C ASN A 204 -15.45 0.49 0.79
N VAL A 205 -15.99 -0.45 1.55
CA VAL A 205 -17.16 -1.26 1.11
C VAL A 205 -18.30 -0.29 0.73
N LEU A 206 -18.58 0.69 1.57
CA LEU A 206 -19.70 1.65 1.32
C LEU A 206 -19.48 2.41 0.00
N ALA A 207 -18.24 2.87 -0.23
CA ALA A 207 -17.87 3.53 -1.49
C ALA A 207 -18.21 2.59 -2.65
N TRP A 208 -17.90 1.31 -2.50
CA TRP A 208 -17.94 0.31 -3.60
C TRP A 208 -19.41 0.02 -3.92
N LEU A 209 -20.23 -0.05 -2.88
CA LEU A 209 -21.71 -0.19 -3.02
C LEU A 209 -22.26 1.05 -3.74
N TYR A 210 -21.69 2.24 -3.48
CA TYR A 210 -22.06 3.48 -4.21
C TYR A 210 -21.67 3.32 -5.68
N ALA A 211 -20.45 2.82 -5.93
CA ALA A 211 -19.95 2.46 -7.27
C ALA A 211 -20.97 1.56 -7.97
N ALA A 212 -21.44 0.53 -7.26
CA ALA A 212 -22.38 -0.48 -7.78
C ALA A 212 -23.68 0.22 -8.20
N VAL A 213 -24.18 1.13 -7.36
CA VAL A 213 -25.40 1.92 -7.68
C VAL A 213 -25.12 2.76 -8.93
N ILE A 214 -24.03 3.52 -8.92
CA ILE A 214 -23.68 4.41 -10.07
C ILE A 214 -23.70 3.59 -11.36
N ASN A 215 -23.29 2.32 -11.30
CA ASN A 215 -23.14 1.41 -12.46
C ASN A 215 -24.39 0.52 -12.64
N GLY A 216 -25.52 0.84 -11.99
CA GLY A 216 -26.84 0.21 -12.26
C GLY A 216 -27.04 -1.10 -11.52
N ASP A 217 -26.18 -1.45 -10.55
CA ASP A 217 -26.45 -2.58 -9.62
C ASP A 217 -27.12 -2.06 -8.36
N ARG A 218 -28.39 -2.38 -8.14
CA ARG A 218 -29.24 -1.70 -7.12
C ARG A 218 -29.95 -2.71 -6.23
N TRP A 219 -29.79 -4.02 -6.49
CA TRP A 219 -30.70 -5.04 -5.92
C TRP A 219 -30.65 -5.01 -4.39
N PHE A 220 -29.52 -4.60 -3.80
CA PHE A 220 -29.23 -4.73 -2.35
C PHE A 220 -29.77 -3.51 -1.59
N LEU A 221 -30.18 -2.46 -2.33
CA LEU A 221 -30.87 -1.27 -1.76
C LEU A 221 -32.16 -1.74 -1.08
N ASN A 222 -32.36 -1.40 0.19
CA ASN A 222 -33.61 -1.73 0.93
C ASN A 222 -34.25 -0.42 1.41
N ARG A 223 -35.38 -0.50 2.09
CA ARG A 223 -36.17 0.68 2.52
C ARG A 223 -35.75 1.07 3.94
N PHE A 224 -34.86 0.29 4.56
CA PHE A 224 -34.51 0.41 5.99
C PHE A 224 -33.53 1.58 6.16
N THR A 225 -33.31 1.98 7.40
CA THR A 225 -32.33 3.00 7.79
C THR A 225 -31.69 2.57 9.10
N THR A 226 -30.69 3.31 9.57
CA THR A 226 -29.91 2.99 10.79
C THR A 226 -29.23 4.27 11.32
N THR A 227 -28.80 4.22 12.58
CA THR A 227 -27.92 5.22 13.21
C THR A 227 -26.48 4.75 13.05
N LEU A 228 -25.51 5.65 13.17
CA LEU A 228 -24.09 5.29 13.07
C LEU A 228 -23.74 4.35 14.24
N ASN A 229 -24.32 4.57 15.43
CA ASN A 229 -24.09 3.66 16.58
C ASN A 229 -24.62 2.26 16.27
N ASP A 230 -25.83 2.14 15.74
CA ASP A 230 -26.48 0.80 15.58
C ASP A 230 -25.79 0.05 14.43
N PHE A 231 -25.36 0.76 13.38
CA PHE A 231 -24.60 0.15 12.28
C PHE A 231 -23.32 -0.49 12.85
N ASN A 232 -22.60 0.27 13.68
CA ASN A 232 -21.28 -0.13 14.24
C ASN A 232 -21.46 -1.34 15.17
N LEU A 233 -22.61 -1.49 15.83
CA LEU A 233 -22.92 -2.69 16.65
C LEU A 233 -22.79 -3.92 15.74
N VAL A 234 -23.42 -3.88 14.56
CA VAL A 234 -23.45 -5.04 13.63
C VAL A 234 -22.05 -5.22 13.03
N ALA A 235 -21.43 -4.10 12.62
CA ALA A 235 -20.07 -4.06 12.03
C ALA A 235 -19.07 -4.78 12.94
N MET A 236 -19.04 -4.41 14.22
CA MET A 236 -18.15 -5.00 15.27
C MET A 236 -18.29 -6.52 15.25
N LYS A 237 -19.51 -7.00 15.11
CA LYS A 237 -19.82 -8.45 15.19
C LYS A 237 -19.19 -9.18 14.00
N TYR A 238 -18.98 -8.47 12.89
CA TYR A 238 -18.57 -9.11 11.60
C TYR A 238 -17.12 -8.75 11.26
N ASN A 239 -16.38 -8.19 12.21
CA ASN A 239 -14.95 -7.92 11.96
C ASN A 239 -14.83 -6.76 10.97
N TYR A 240 -15.85 -5.89 10.91
CA TYR A 240 -15.82 -4.63 10.14
C TYR A 240 -15.29 -3.53 11.05
N GLU A 241 -14.46 -2.62 10.51
CA GLU A 241 -13.98 -1.41 11.21
C GLU A 241 -15.18 -0.53 11.56
N PRO A 242 -15.20 0.13 12.74
CA PRO A 242 -16.29 1.04 13.06
C PRO A 242 -16.29 2.19 12.05
N LEU A 243 -17.48 2.64 11.66
CA LEU A 243 -17.65 3.84 10.80
C LEU A 243 -17.66 5.10 11.68
N THR A 244 -16.85 6.10 11.36
CA THR A 244 -16.79 7.41 12.08
C THR A 244 -17.51 8.50 11.29
N GLN A 245 -17.94 9.54 11.99
CA GLN A 245 -18.57 10.74 11.37
C GLN A 245 -17.72 11.21 10.18
N ASP A 246 -16.39 11.12 10.31
CA ASP A 246 -15.45 11.59 9.25
C ASP A 246 -15.55 10.65 8.04
N HIS A 247 -15.78 9.35 8.25
CA HIS A 247 -16.08 8.37 7.16
C HIS A 247 -17.33 8.83 6.41
N VAL A 248 -18.40 9.15 7.13
CA VAL A 248 -19.68 9.68 6.57
C VAL A 248 -19.39 10.91 5.71
N ASP A 249 -18.47 11.75 6.21
CA ASP A 249 -18.11 13.05 5.60
C ASP A 249 -17.51 12.75 4.22
N ILE A 250 -16.52 11.86 4.16
CA ILE A 250 -15.79 11.58 2.89
C ILE A 250 -16.71 10.86 1.92
N LEU A 251 -17.77 10.21 2.40
CA LEU A 251 -18.77 9.51 1.55
C LEU A 251 -19.78 10.54 0.96
N GLY A 252 -19.82 11.74 1.53
CA GLY A 252 -20.77 12.81 1.16
C GLY A 252 -20.89 13.00 -0.35
N PRO A 253 -19.77 13.22 -1.07
CA PRO A 253 -19.82 13.37 -2.52
C PRO A 253 -20.63 12.28 -3.25
N LEU A 254 -20.49 11.01 -2.83
CA LEU A 254 -21.15 9.84 -3.51
C LEU A 254 -22.61 9.77 -3.09
N SER A 255 -22.90 10.10 -1.82
CA SER A 255 -24.28 10.25 -1.29
C SER A 255 -25.02 11.26 -2.16
N ALA A 256 -24.37 12.39 -2.46
CA ALA A 256 -24.90 13.48 -3.29
C ALA A 256 -25.14 13.00 -4.70
N GLN A 257 -24.17 12.30 -5.31
CA GLN A 257 -24.22 11.90 -6.74
C GLN A 257 -25.35 10.88 -6.96
N THR A 258 -25.58 9.97 -6.00
CA THR A 258 -26.57 8.87 -6.12
C THR A 258 -27.92 9.28 -5.51
N GLY A 259 -27.91 10.21 -4.56
CA GLY A 259 -29.10 10.64 -3.80
C GLY A 259 -29.42 9.70 -2.65
N ILE A 260 -28.51 8.78 -2.31
CA ILE A 260 -28.72 7.79 -1.22
C ILE A 260 -27.93 8.26 -0.02
N ALA A 261 -28.62 8.65 1.06
CA ALA A 261 -28.01 9.05 2.34
C ALA A 261 -27.04 7.95 2.80
N VAL A 262 -25.93 8.35 3.43
CA VAL A 262 -24.84 7.43 3.88
C VAL A 262 -25.45 6.36 4.81
N LEU A 263 -26.35 6.75 5.71
CA LEU A 263 -26.89 5.82 6.74
C LEU A 263 -27.90 4.86 6.10
N ASP A 264 -28.53 5.28 5.00
CA ASP A 264 -29.38 4.38 4.18
C ASP A 264 -28.48 3.33 3.54
N MET A 265 -27.35 3.74 2.96
CA MET A 265 -26.37 2.79 2.35
C MET A 265 -25.85 1.90 3.48
N CYS A 266 -25.60 2.48 4.66
CA CYS A 266 -25.20 1.73 5.87
C CYS A 266 -26.29 0.68 6.19
N ALA A 267 -27.57 1.00 6.04
CA ALA A 267 -28.68 0.06 6.34
C ALA A 267 -28.64 -1.09 5.34
N SER A 268 -28.33 -0.81 4.08
CA SER A 268 -28.20 -1.85 3.01
C SER A 268 -27.04 -2.81 3.37
N LEU A 269 -25.89 -2.26 3.77
CA LEU A 269 -24.70 -3.06 4.13
C LEU A 269 -25.04 -3.93 5.35
N LYS A 270 -25.61 -3.31 6.40
CA LYS A 270 -26.08 -4.06 7.61
C LYS A 270 -26.81 -5.33 7.17
N GLU A 271 -27.71 -5.23 6.20
CA GLU A 271 -28.60 -6.35 5.79
C GLU A 271 -27.78 -7.41 5.03
N LEU A 272 -26.89 -6.99 4.12
CA LEU A 272 -25.97 -7.91 3.41
C LEU A 272 -25.16 -8.71 4.42
N LEU A 273 -24.66 -8.06 5.48
CA LEU A 273 -23.80 -8.70 6.50
C LEU A 273 -24.59 -9.78 7.23
N GLN A 274 -25.84 -9.46 7.59
CA GLN A 274 -26.73 -10.31 8.42
C GLN A 274 -27.24 -11.51 7.59
N ASN A 275 -27.36 -11.37 6.26
CA ASN A 275 -28.16 -12.30 5.41
C ASN A 275 -27.36 -12.87 4.25
N GLY A 276 -26.17 -12.33 3.97
CA GLY A 276 -25.36 -12.72 2.80
C GLY A 276 -25.96 -12.20 1.51
N MET A 277 -25.46 -12.71 0.38
CA MET A 277 -25.82 -12.21 -0.97
C MET A 277 -26.86 -13.13 -1.62
N ASN A 278 -27.17 -14.29 -1.02
CA ASN A 278 -28.07 -15.32 -1.62
C ASN A 278 -27.55 -15.70 -3.01
N GLY A 279 -26.24 -15.97 -3.13
CA GLY A 279 -25.61 -16.41 -4.39
C GLY A 279 -25.69 -15.37 -5.50
N ARG A 280 -25.99 -14.12 -5.17
CA ARG A 280 -25.97 -12.99 -6.15
C ARG A 280 -24.61 -12.28 -6.07
N THR A 281 -24.33 -11.44 -7.05
CA THR A 281 -23.03 -10.72 -7.17
C THR A 281 -23.29 -9.21 -7.24
N ILE A 282 -22.29 -8.44 -6.85
CA ILE A 282 -22.29 -6.96 -6.96
C ILE A 282 -21.04 -6.57 -7.72
N LEU A 283 -21.22 -5.89 -8.82
CA LEU A 283 -20.13 -5.50 -9.73
C LEU A 283 -19.25 -6.72 -10.00
N GLY A 284 -19.88 -7.89 -10.15
CA GLY A 284 -19.21 -9.13 -10.60
C GLY A 284 -18.58 -9.88 -9.46
N SER A 285 -18.61 -9.34 -8.25
CA SER A 285 -17.96 -10.01 -7.09
C SER A 285 -19.01 -10.78 -6.30
N ALA A 286 -18.62 -11.90 -5.73
CA ALA A 286 -19.41 -12.68 -4.76
C ALA A 286 -19.06 -12.23 -3.33
N LEU A 287 -17.99 -11.45 -3.16
CA LEU A 287 -17.63 -10.89 -1.82
C LEU A 287 -17.69 -9.36 -1.86
N LEU A 288 -17.91 -8.75 -0.70
CA LEU A 288 -17.91 -7.27 -0.57
C LEU A 288 -16.47 -6.77 -0.69
N GLU A 289 -16.20 -5.85 -1.62
CA GLU A 289 -14.82 -5.36 -1.92
C GLU A 289 -14.49 -4.12 -1.06
N ASP A 290 -13.29 -4.09 -0.50
CA ASP A 290 -12.90 -3.05 0.50
C ASP A 290 -11.58 -2.39 0.09
N GLU A 291 -11.17 -2.52 -1.17
CA GLU A 291 -9.92 -1.90 -1.69
C GLU A 291 -10.23 -0.74 -2.62
N PHE A 292 -11.39 -0.10 -2.49
CA PHE A 292 -11.71 1.15 -3.22
C PHE A 292 -12.09 2.21 -2.20
N THR A 293 -11.33 3.30 -2.12
CA THR A 293 -11.64 4.46 -1.25
C THR A 293 -12.77 5.23 -1.92
N PRO A 294 -13.47 6.10 -1.15
CA PRO A 294 -14.41 7.05 -1.75
C PRO A 294 -13.82 7.87 -2.92
N PHE A 295 -12.60 8.37 -2.75
CA PHE A 295 -11.87 9.14 -3.80
C PHE A 295 -11.65 8.25 -5.04
N ASP A 296 -11.23 7.00 -4.82
CA ASP A 296 -11.06 6.01 -5.94
C ASP A 296 -12.35 5.97 -6.75
N VAL A 297 -13.49 5.81 -6.10
CA VAL A 297 -14.78 5.68 -6.83
C VAL A 297 -15.08 7.01 -7.54
N VAL A 298 -14.94 8.14 -6.84
CA VAL A 298 -15.20 9.48 -7.43
C VAL A 298 -14.31 9.63 -8.68
N ARG A 299 -13.03 9.31 -8.55
CA ARG A 299 -12.02 9.43 -9.62
C ARG A 299 -12.48 8.65 -10.85
N GLN A 300 -12.92 7.40 -10.68
CA GLN A 300 -13.24 6.47 -11.80
C GLN A 300 -14.63 6.76 -12.37
N CYS A 301 -15.58 7.15 -11.52
CA CYS A 301 -17.02 7.34 -11.83
C CYS A 301 -17.28 8.81 -12.15
N SER A 302 -16.75 9.28 -13.28
CA SER A 302 -16.65 10.70 -13.70
C SER A 302 -15.45 11.35 -13.00
N ILE B 2 10.31 -14.08 9.78
CA ILE B 2 9.87 -13.42 8.61
C ILE B 2 10.70 -13.92 7.43
N THR B 4 12.72 -12.16 4.08
CA THR B 4 13.00 -10.92 3.47
C THR B 4 13.04 -11.15 1.95
#